data_6OI3
#
_entry.id   6OI3
#
_cell.length_a   78.294
_cell.length_b   98.632
_cell.length_c   80.265
_cell.angle_alpha   90.000
_cell.angle_beta   90.000
_cell.angle_gamma   90.000
#
_symmetry.space_group_name_H-M   'C 2 2 21'
#
loop_
_entity.id
_entity.type
_entity.pdbx_description
1 polymer 'WD repeat-containing protein 5'
2 polymer 'Monomethyl H3R2 peptide'
3 non-polymer GLYCEROL
4 non-polymer 'SULFATE ION'
5 water water
#
loop_
_entity_poly.entity_id
_entity_poly.type
_entity_poly.pdbx_seq_one_letter_code
_entity_poly.pdbx_strand_id
1 'polypeptide(L)'
;SATQSKPTPVKPNYALKFTLAGHTKAVSSVKFSPNGEWLASSSADKLIKIWGAYDGKFEKTISGHKLGISDVAWSSDSNL
LVSASDDKTLKIWDVSSGKCLKTLKGHSNYVFCCNFNPQSNLIVSGSFDESVRIWDVKTGKCLKTLPAHSDPVSAVHFNR
DGSLIVSSSYDGLCRIWDTASGQCLKTLIDDDNPPVSFVKFSPNGKYILAATLDNTLKLWDYSKGKCLKTYTGHKNEKYC
IFANFSVTGGKWIVSGSEDNLVYIWNLQTKEIVQKLQGHTDVVISTACHPTENIIASAALENDKTIKLWKSDC
;
A
2 'polypeptide(L)' A(NMM)TKQTARKSTGGKAPRKQLAGGK B
#
# COMPACT_ATOMS: atom_id res chain seq x y z
N VAL A 10 -14.74 -23.39 -0.77
CA VAL A 10 -15.02 -22.46 0.37
C VAL A 10 -14.93 -20.99 -0.04
N LYS A 11 -15.85 -20.18 0.49
CA LYS A 11 -15.84 -18.74 0.36
C LYS A 11 -15.78 -18.11 1.75
N PRO A 12 -15.28 -16.87 1.87
CA PRO A 12 -15.35 -16.19 3.16
C PRO A 12 -16.73 -15.61 3.44
N ASN A 13 -16.98 -15.18 4.68
CA ASN A 13 -18.24 -14.52 5.02
C ASN A 13 -17.98 -13.20 5.75
N TYR A 14 -17.13 -12.37 5.15
CA TYR A 14 -16.87 -11.02 5.69
C TYR A 14 -18.16 -10.23 5.89
N ALA A 15 -18.31 -9.70 7.10
CA ALA A 15 -19.46 -8.89 7.47
C ALA A 15 -18.95 -7.67 8.19
N LEU A 16 -19.62 -6.53 7.97
CA LEU A 16 -19.22 -5.27 8.58
C LEU A 16 -19.34 -5.30 10.11
N LYS A 17 -18.26 -4.95 10.80
CA LYS A 17 -18.27 -4.84 12.26
C LYS A 17 -18.20 -3.42 12.79
N PHE A 18 -17.32 -2.59 12.22
CA PHE A 18 -17.12 -1.23 12.67
C PHE A 18 -16.92 -0.31 11.50
N THR A 19 -17.42 0.92 11.64
CA THR A 19 -17.12 2.03 10.74
C THR A 19 -16.40 3.12 11.53
N LEU A 20 -15.27 3.58 11.00
CA LEU A 20 -14.34 4.47 11.68
C LEU A 20 -14.37 5.83 11.00
N ALA A 21 -14.89 6.83 11.72
CA ALA A 21 -14.97 8.20 11.22
C ALA A 21 -13.97 9.08 11.96
N GLY A 22 -13.38 10.01 11.24
CA GLY A 22 -12.40 10.89 11.85
C GLY A 22 -11.65 11.76 10.88
N HIS A 23 -11.26 11.17 9.75
CA HIS A 23 -10.59 11.95 8.73
C HIS A 23 -11.55 12.96 8.11
N THR A 24 -11.01 14.13 7.77
CA THR A 24 -11.82 15.22 7.22
C THR A 24 -11.70 15.35 5.71
N LYS A 25 -10.88 14.49 5.10
CA LYS A 25 -10.77 14.42 3.65
C LYS A 25 -10.61 12.94 3.33
N ALA A 26 -10.52 12.65 2.04
CA ALA A 26 -10.33 11.29 1.55
C ALA A 26 -9.23 10.57 2.30
N VAL A 27 -9.47 9.32 2.63
CA VAL A 27 -8.47 8.47 3.25
C VAL A 27 -7.63 7.96 2.09
N SER A 28 -6.30 7.83 2.28
CA SER A 28 -5.40 7.39 1.22
C SER A 28 -4.88 5.96 1.40
N SER A 29 -4.70 5.55 2.65
CA SER A 29 -4.13 4.23 2.87
C SER A 29 -4.46 3.77 4.30
N VAL A 30 -4.66 2.46 4.46
CA VAL A 30 -4.80 1.83 5.76
C VAL A 30 -3.82 0.67 5.86
N LYS A 31 -3.24 0.46 7.04
CA LYS A 31 -2.27 -0.62 7.24
C LYS A 31 -2.37 -1.15 8.66
N PHE A 32 -2.41 -2.48 8.81
CA PHE A 32 -2.40 -3.09 10.14
C PHE A 32 -0.95 -3.18 10.62
N SER A 33 -0.72 -2.90 11.91
CA SER A 33 0.59 -3.14 12.50
C SER A 33 0.95 -4.62 12.45
N PRO A 34 2.24 -4.94 12.25
CA PRO A 34 2.65 -6.34 12.23
C PRO A 34 2.27 -7.13 13.49
N ASN A 35 2.21 -6.47 14.65
CA ASN A 35 1.82 -7.17 15.90
C ASN A 35 0.31 -7.32 16.07
N GLY A 36 -0.47 -6.85 15.09
CA GLY A 36 -1.92 -7.03 15.06
C GLY A 36 -2.72 -6.07 15.94
N GLU A 37 -2.06 -5.17 16.66
CA GLU A 37 -2.77 -4.38 17.66
C GLU A 37 -3.49 -3.18 17.06
N TRP A 38 -2.94 -2.64 15.96
CA TRP A 38 -3.33 -1.29 15.52
C TRP A 38 -3.61 -1.25 14.05
N LEU A 39 -4.43 -0.28 13.67
CA LEU A 39 -4.60 0.15 12.29
C LEU A 39 -4.11 1.58 12.19
N ALA A 40 -3.28 1.86 11.17
CA ALA A 40 -2.86 3.22 10.85
C ALA A 40 -3.57 3.63 9.59
N SER A 41 -4.02 4.86 9.52
CA SER A 41 -4.58 5.42 8.30
C SER A 41 -3.89 6.73 7.98
N SER A 42 -3.77 7.03 6.69
CA SER A 42 -3.30 8.33 6.22
C SER A 42 -4.40 8.97 5.40
N SER A 43 -4.31 10.28 5.22
CA SER A 43 -5.36 10.99 4.46
C SER A 43 -4.85 12.23 3.78
N ALA A 44 -5.62 12.64 2.77
CA ALA A 44 -5.51 13.96 2.17
C ALA A 44 -5.60 15.13 3.18
N ASP A 45 -6.19 14.88 4.35
CA ASP A 45 -6.26 15.88 5.43
C ASP A 45 -4.93 16.13 6.20
N LYS A 46 -3.83 15.52 5.74
CA LYS A 46 -2.48 15.75 6.27
C LYS A 46 -2.23 14.99 7.56
N LEU A 47 -3.15 14.12 7.95
CA LEU A 47 -3.06 13.43 9.23
C LEU A 47 -2.88 11.95 9.07
N ILE A 48 -2.25 11.37 10.08
CA ILE A 48 -2.21 9.94 10.30
C ILE A 48 -3.10 9.70 11.53
N LYS A 49 -3.96 8.67 11.48
CA LYS A 49 -4.73 8.26 12.65
C LYS A 49 -4.42 6.82 13.00
N ILE A 50 -4.44 6.53 14.31
CA ILE A 50 -4.22 5.20 14.84
C ILE A 50 -5.53 4.71 15.48
N TRP A 51 -5.89 3.47 15.17
CA TRP A 51 -7.14 2.87 15.63
C TRP A 51 -6.87 1.46 16.12
N GLY A 52 -7.63 1.02 17.13
CA GLY A 52 -7.56 -0.38 17.56
C GLY A 52 -7.99 -1.32 16.46
N ALA A 53 -7.20 -2.37 16.23
CA ALA A 53 -7.40 -3.26 15.10
C ALA A 53 -8.63 -4.14 15.26
N TYR A 54 -8.99 -4.44 16.52
CA TYR A 54 -10.07 -5.39 16.81
C TYR A 54 -11.40 -4.72 17.08
N ASP A 55 -11.37 -3.55 17.71
CA ASP A 55 -12.59 -2.79 18.06
C ASP A 55 -12.81 -1.52 17.24
N GLY A 56 -11.79 -1.07 16.50
CA GLY A 56 -11.88 0.14 15.69
C GLY A 56 -11.88 1.40 16.54
N LYS A 57 -11.48 1.27 17.81
CA LYS A 57 -11.52 2.38 18.73
C LYS A 57 -10.41 3.36 18.38
N PHE A 58 -10.78 4.62 18.21
CA PHE A 58 -9.80 5.65 17.92
C PHE A 58 -8.77 5.74 19.03
N GLU A 59 -7.49 5.80 18.65
CA GLU A 59 -6.39 5.84 19.59
C GLU A 59 -5.77 7.24 19.61
N LYS A 60 -5.27 7.73 18.47
CA LYS A 60 -4.72 9.08 18.40
C LYS A 60 -4.42 9.56 17.01
N THR A 61 -4.15 10.86 16.91
CA THR A 61 -3.79 11.51 15.68
C THR A 61 -2.33 11.92 15.71
N ILE A 62 -1.64 11.70 14.59
CA ILE A 62 -0.26 12.08 14.43
C ILE A 62 -0.22 13.11 13.30
N SER A 63 0.40 14.25 13.61
N SER A 63 0.33 14.29 13.60
CA SER A 63 0.29 15.49 12.83
CA SER A 63 0.28 15.43 12.69
C SER A 63 1.69 15.99 12.50
C SER A 63 1.68 15.96 12.47
N GLY A 64 1.83 16.71 11.38
CA GLY A 64 3.12 17.37 11.03
C GLY A 64 3.35 17.63 9.55
N HIS A 65 2.83 16.77 8.69
CA HIS A 65 2.94 17.01 7.24
C HIS A 65 2.21 18.30 6.89
N LYS A 66 2.74 18.99 5.88
CA LYS A 66 2.21 20.28 5.42
C LYS A 66 1.18 20.13 4.32
N LEU A 67 1.12 18.96 3.67
CA LEU A 67 0.17 18.67 2.62
C LEU A 67 -0.26 17.22 2.78
N GLY A 68 -1.17 16.80 1.91
CA GLY A 68 -1.80 15.51 2.00
C GLY A 68 -0.80 14.36 1.95
N ILE A 69 -1.19 13.27 2.58
CA ILE A 69 -0.38 12.06 2.68
C ILE A 69 -1.00 11.01 1.77
N SER A 70 -0.17 10.32 0.99
CA SER A 70 -0.63 9.26 0.07
C SER A 70 -0.41 7.86 0.62
N ASP A 71 0.50 7.71 1.56
CA ASP A 71 0.86 6.39 2.07
C ASP A 71 1.46 6.45 3.46
N VAL A 72 1.27 5.37 4.20
CA VAL A 72 1.88 5.19 5.53
C VAL A 72 2.24 3.72 5.66
N ALA A 73 3.29 3.42 6.40
CA ALA A 73 3.74 2.03 6.55
C ALA A 73 4.41 1.82 7.89
N TRP A 74 4.28 0.61 8.41
CA TRP A 74 4.80 0.23 9.72
C TRP A 74 6.18 -0.41 9.64
N SER A 75 7.01 -0.13 10.64
CA SER A 75 8.23 -0.90 10.86
C SER A 75 7.83 -2.29 11.34
N SER A 76 8.73 -3.27 11.17
CA SER A 76 8.36 -4.65 11.43
C SER A 76 8.14 -4.96 12.91
N ASP A 77 8.66 -4.12 13.81
CA ASP A 77 8.37 -4.23 15.26
C ASP A 77 7.17 -3.42 15.74
N SER A 78 6.43 -2.83 14.79
CA SER A 78 5.24 -2.04 15.09
C SER A 78 5.50 -0.75 15.89
N ASN A 79 6.77 -0.33 16.03
CA ASN A 79 7.10 0.87 16.82
C ASN A 79 7.12 2.16 16.00
N LEU A 80 7.42 2.06 14.71
CA LEU A 80 7.56 3.23 13.85
C LEU A 80 6.60 3.22 12.71
N LEU A 81 6.31 4.41 12.19
CA LEU A 81 5.61 4.54 10.92
C LEU A 81 6.47 5.41 10.02
N VAL A 82 6.33 5.20 8.72
CA VAL A 82 6.82 6.16 7.74
C VAL A 82 5.66 6.61 6.87
N SER A 83 5.60 7.90 6.56
CA SER A 83 4.55 8.43 5.70
C SER A 83 5.13 9.16 4.51
N ALA A 84 4.38 9.19 3.41
CA ALA A 84 4.81 9.81 2.15
C ALA A 84 3.82 10.92 1.79
N SER A 85 4.29 12.15 1.57
CA SER A 85 3.41 13.31 1.42
C SER A 85 3.67 14.14 0.17
N ASP A 86 2.60 14.84 -0.24
CA ASP A 86 2.71 15.86 -1.25
C ASP A 86 3.63 17.03 -0.88
N ASP A 87 3.96 17.20 0.39
CA ASP A 87 4.96 18.19 0.80
C ASP A 87 6.38 17.80 0.40
N LYS A 88 6.51 16.66 -0.33
CA LYS A 88 7.75 16.16 -0.91
C LYS A 88 8.70 15.56 0.12
N THR A 89 8.18 15.28 1.31
CA THR A 89 8.95 14.63 2.36
C THR A 89 8.36 13.29 2.68
N LEU A 90 9.18 12.47 3.33
CA LEU A 90 8.68 11.40 4.17
C LEU A 90 8.97 11.78 5.61
N LYS A 91 8.17 11.26 6.53
CA LYS A 91 8.45 11.43 7.94
C LYS A 91 8.45 10.07 8.60
N ILE A 92 9.40 9.89 9.53
CA ILE A 92 9.48 8.68 10.36
C ILE A 92 8.95 9.08 11.72
N TRP A 93 8.00 8.30 12.23
CA TRP A 93 7.28 8.61 13.44
C TRP A 93 7.49 7.56 14.48
N ASP A 94 7.75 7.97 15.71
CA ASP A 94 7.66 7.05 16.85
C ASP A 94 6.19 6.99 17.26
N VAL A 95 5.54 5.84 17.05
CA VAL A 95 4.09 5.75 17.25
C VAL A 95 3.70 6.00 18.71
N SER A 96 4.45 5.45 19.65
CA SER A 96 4.12 5.60 21.07
C SER A 96 4.16 7.05 21.58
N SER A 97 5.17 7.81 21.17
CA SER A 97 5.30 9.21 21.60
C SER A 97 4.61 10.20 20.65
N GLY A 98 4.31 9.77 19.42
CA GLY A 98 3.83 10.69 18.41
C GLY A 98 4.89 11.58 17.76
N LYS A 99 6.15 11.42 18.19
CA LYS A 99 7.29 12.24 17.76
C LYS A 99 7.65 12.01 16.32
N CYS A 100 7.89 13.08 15.56
CA CYS A 100 8.52 12.94 14.24
C CYS A 100 10.01 12.81 14.45
N LEU A 101 10.56 11.61 14.22
CA LEU A 101 11.97 11.35 14.47
C LEU A 101 12.88 11.96 13.42
N LYS A 102 12.46 11.86 12.17
CA LYS A 102 13.22 12.33 11.03
C LYS A 102 12.27 12.78 9.94
N THR A 103 12.67 13.83 9.22
CA THR A 103 12.00 14.25 8.00
C THR A 103 12.99 14.01 6.87
N LEU A 104 12.55 13.19 5.91
CA LEU A 104 13.38 12.72 4.82
C LEU A 104 13.18 13.64 3.63
N LYS A 105 14.19 14.45 3.34
CA LYS A 105 14.12 15.44 2.28
C LYS A 105 15.08 15.06 1.17
N GLY A 106 14.61 15.14 -0.07
CA GLY A 106 15.42 14.73 -1.21
C GLY A 106 14.65 14.56 -2.49
N HIS A 107 13.43 14.05 -2.40
CA HIS A 107 12.57 13.98 -3.59
C HIS A 107 12.28 15.39 -4.09
N SER A 108 12.17 15.54 -5.40
CA SER A 108 11.90 16.85 -6.00
C SER A 108 10.43 17.10 -6.31
N ASN A 109 9.58 16.12 -6.00
CA ASN A 109 8.16 16.25 -6.21
C ASN A 109 7.43 15.34 -5.23
N TYR A 110 6.11 15.32 -5.30
CA TYR A 110 5.27 14.61 -4.34
C TYR A 110 5.80 13.20 -4.07
N VAL A 111 5.81 12.80 -2.79
CA VAL A 111 6.14 11.43 -2.46
C VAL A 111 4.82 10.65 -2.34
N PHE A 112 4.76 9.54 -3.07
CA PHE A 112 3.50 8.79 -3.25
C PHE A 112 3.43 7.47 -2.49
N CYS A 113 4.57 6.86 -2.22
CA CYS A 113 4.57 5.50 -1.69
C CYS A 113 5.80 5.26 -0.85
N CYS A 114 5.68 4.34 0.11
CA CYS A 114 6.77 4.08 1.03
C CYS A 114 6.65 2.73 1.73
N ASN A 115 7.81 2.23 2.17
CA ASN A 115 7.88 1.01 2.93
C ASN A 115 9.21 0.89 3.65
N PHE A 116 9.19 0.24 4.82
CA PHE A 116 10.43 -0.21 5.45
C PHE A 116 10.85 -1.53 4.82
N ASN A 117 12.13 -1.84 4.94
CA ASN A 117 12.60 -3.19 4.65
C ASN A 117 12.25 -4.08 5.85
N PRO A 118 12.26 -5.40 5.66
CA PRO A 118 11.93 -6.30 6.79
C PRO A 118 12.78 -6.06 8.05
N GLN A 119 14.06 -5.69 7.91
CA GLN A 119 14.86 -5.33 9.09
C GLN A 119 14.41 -4.01 9.72
N SER A 120 13.85 -3.12 8.90
CA SER A 120 13.45 -1.79 9.32
C SER A 120 14.62 -0.81 9.62
N ASN A 121 15.77 -1.04 8.99
CA ASN A 121 16.89 -0.11 8.96
C ASN A 121 16.91 0.79 7.73
N LEU A 122 16.13 0.43 6.71
CA LEU A 122 15.99 1.22 5.50
C LEU A 122 14.52 1.51 5.21
N ILE A 123 14.31 2.61 4.49
CA ILE A 123 13.04 2.97 3.90
C ILE A 123 13.24 3.10 2.41
N VAL A 124 12.25 2.63 1.65
CA VAL A 124 12.17 2.88 0.22
C VAL A 124 10.97 3.79 -0.07
N SER A 125 11.15 4.68 -1.02
CA SER A 125 10.12 5.66 -1.36
C SER A 125 10.02 5.82 -2.87
N GLY A 126 8.81 6.10 -3.35
CA GLY A 126 8.60 6.45 -4.75
C GLY A 126 7.89 7.77 -4.88
N SER A 127 8.16 8.49 -5.97
CA SER A 127 7.71 9.86 -6.10
C SER A 127 7.21 10.18 -7.52
N PHE A 128 6.44 11.24 -7.60
N PHE A 128 6.46 11.25 -7.61
CA PHE A 128 6.07 11.91 -8.86
CA PHE A 128 6.11 11.84 -8.89
C PHE A 128 7.31 12.34 -9.65
C PHE A 128 7.32 12.36 -9.66
N ASP A 129 8.44 12.52 -8.97
CA ASP A 129 9.71 12.86 -9.59
C ASP A 129 10.36 11.73 -10.39
N GLU A 130 9.71 10.55 -10.42
CA GLU A 130 10.06 9.42 -11.28
C GLU A 130 11.22 8.60 -10.71
N SER A 131 11.64 8.93 -9.47
CA SER A 131 12.68 8.19 -8.78
C SER A 131 12.18 7.28 -7.68
N VAL A 132 13.00 6.27 -7.38
CA VAL A 132 12.91 5.46 -6.20
C VAL A 132 14.11 5.84 -5.32
N ARG A 133 13.86 6.09 -4.04
CA ARG A 133 14.94 6.41 -3.11
C ARG A 133 15.00 5.45 -1.95
N ILE A 134 16.23 5.22 -1.47
CA ILE A 134 16.50 4.35 -0.34
C ILE A 134 17.15 5.24 0.73
N TRP A 135 16.64 5.15 1.95
CA TRP A 135 16.97 6.05 3.04
C TRP A 135 17.42 5.24 4.26
N ASP A 136 18.39 5.80 4.99
CA ASP A 136 18.82 5.25 6.27
C ASP A 136 17.83 5.69 7.34
N VAL A 137 17.21 4.72 8.02
CA VAL A 137 16.19 5.02 9.06
C VAL A 137 16.82 5.78 10.23
N LYS A 138 18.00 5.34 10.67
CA LYS A 138 18.65 5.93 11.85
C LYS A 138 19.03 7.40 11.67
N THR A 139 19.65 7.74 10.55
CA THR A 139 20.11 9.10 10.24
C THR A 139 19.10 9.95 9.48
N GLY A 140 18.11 9.31 8.85
CA GLY A 140 17.18 10.05 7.99
C GLY A 140 17.78 10.58 6.70
N LYS A 141 18.92 10.04 6.27
CA LYS A 141 19.61 10.56 5.07
C LYS A 141 19.37 9.66 3.86
N CYS A 142 19.33 10.28 2.69
CA CYS A 142 19.13 9.57 1.43
C CYS A 142 20.43 8.86 1.06
N LEU A 143 20.37 7.54 0.93
CA LEU A 143 21.55 6.74 0.57
C LEU A 143 21.71 6.58 -0.94
N LYS A 144 20.60 6.38 -1.64
CA LYS A 144 20.63 6.11 -3.06
C LYS A 144 19.39 6.67 -3.72
N THR A 145 19.59 7.27 -4.89
CA THR A 145 18.49 7.68 -5.76
C THR A 145 18.58 6.87 -7.05
N LEU A 146 17.50 6.14 -7.36
CA LEU A 146 17.46 5.29 -8.54
C LEU A 146 16.64 6.00 -9.61
N PRO A 147 17.19 6.20 -10.81
CA PRO A 147 16.42 6.87 -11.87
C PRO A 147 15.52 5.81 -12.51
N ALA A 148 14.46 5.51 -11.77
CA ALA A 148 13.76 4.23 -11.90
C ALA A 148 12.78 4.15 -13.05
N HIS A 149 12.09 5.25 -13.32
CA HIS A 149 10.93 5.26 -14.23
C HIS A 149 10.87 6.56 -15.02
N SER A 150 9.94 6.61 -15.96
CA SER A 150 9.76 7.81 -16.81
C SER A 150 8.39 8.44 -16.61
N ASP A 151 7.77 8.13 -15.47
CA ASP A 151 6.50 8.70 -15.04
C ASP A 151 6.43 8.46 -13.53
N PRO A 152 5.42 9.03 -12.84
CA PRO A 152 5.34 8.86 -11.39
C PRO A 152 5.39 7.41 -10.93
N VAL A 153 6.03 7.19 -9.78
CA VAL A 153 6.19 5.88 -9.20
C VAL A 153 5.02 5.66 -8.25
N SER A 154 4.24 4.60 -8.50
CA SER A 154 3.02 4.35 -7.75
C SER A 154 3.17 3.49 -6.51
N ALA A 155 4.15 2.61 -6.50
CA ALA A 155 4.34 1.72 -5.37
C ALA A 155 5.77 1.24 -5.32
N VAL A 156 6.24 0.96 -4.11
CA VAL A 156 7.55 0.40 -3.86
C VAL A 156 7.44 -0.59 -2.71
N HIS A 157 8.19 -1.68 -2.78
CA HIS A 157 8.08 -2.73 -1.74
C HIS A 157 9.38 -3.52 -1.70
N PHE A 158 9.81 -3.92 -0.50
CA PHE A 158 10.95 -4.83 -0.37
C PHE A 158 10.48 -6.27 -0.37
N ASN A 159 11.35 -7.16 -0.85
CA ASN A 159 11.06 -8.57 -0.80
C ASN A 159 11.37 -9.09 0.60
N ARG A 160 11.23 -10.40 0.76
CA ARG A 160 11.16 -11.04 2.09
C ARG A 160 12.42 -10.83 2.92
N ASP A 161 13.57 -10.87 2.25
CA ASP A 161 14.87 -10.65 2.93
C ASP A 161 15.43 -9.25 2.71
N GLY A 162 14.70 -8.37 2.03
CA GLY A 162 15.17 -7.02 1.78
C GLY A 162 16.24 -6.83 0.69
N SER A 163 16.63 -7.91 0.00
CA SER A 163 17.67 -7.82 -1.02
C SER A 163 17.20 -7.18 -2.32
N LEU A 164 15.88 -7.15 -2.49
CA LEU A 164 15.27 -6.60 -3.70
C LEU A 164 14.22 -5.57 -3.37
N ILE A 165 14.03 -4.63 -4.30
CA ILE A 165 12.92 -3.71 -4.28
C ILE A 165 12.11 -3.91 -5.56
N VAL A 166 10.78 -3.89 -5.46
CA VAL A 166 9.92 -3.81 -6.65
C VAL A 166 9.31 -2.44 -6.70
N SER A 167 9.22 -1.86 -7.88
CA SER A 167 8.60 -0.56 -8.08
C SER A 167 7.62 -0.66 -9.23
N SER A 168 6.59 0.17 -9.22
CA SER A 168 5.64 0.24 -10.32
C SER A 168 5.44 1.69 -10.69
N SER A 169 5.02 1.91 -11.92
CA SER A 169 4.90 3.27 -12.42
C SER A 169 3.85 3.45 -13.49
N TYR A 170 3.38 4.70 -13.57
CA TYR A 170 2.51 5.15 -14.65
C TYR A 170 3.13 4.95 -16.04
N ASP A 171 4.45 4.76 -16.11
CA ASP A 171 5.14 4.43 -17.37
C ASP A 171 4.83 3.02 -17.92
N GLY A 172 4.11 2.20 -17.13
CA GLY A 172 3.64 0.92 -17.59
C GLY A 172 4.53 -0.21 -17.17
N LEU A 173 5.59 0.10 -16.42
CA LEU A 173 6.57 -0.89 -16.03
C LEU A 173 6.55 -1.19 -14.56
N CYS A 174 6.81 -2.46 -14.25
N CYS A 174 6.98 -2.41 -14.28
CA CYS A 174 7.32 -2.84 -12.94
CA CYS A 174 7.29 -2.85 -12.98
C CYS A 174 8.80 -3.11 -13.10
C CYS A 174 8.76 -3.26 -13.01
N ARG A 175 9.59 -2.73 -12.10
CA ARG A 175 11.01 -3.01 -12.10
C ARG A 175 11.46 -3.62 -10.79
N ILE A 176 12.50 -4.45 -10.87
CA ILE A 176 13.07 -5.11 -9.72
C ILE A 176 14.48 -4.58 -9.61
N TRP A 177 14.83 -4.11 -8.41
CA TRP A 177 16.11 -3.42 -8.15
C TRP A 177 16.90 -4.18 -7.10
N ASP A 178 18.21 -4.26 -7.30
CA ASP A 178 19.13 -4.76 -6.28
C ASP A 178 19.30 -3.67 -5.22
N THR A 179 18.84 -3.95 -4.00
CA THR A 179 18.90 -2.97 -2.90
C THR A 179 20.33 -2.45 -2.71
N ALA A 180 21.29 -3.37 -2.69
CA ALA A 180 22.70 -3.03 -2.44
C ALA A 180 23.37 -2.18 -3.52
N SER A 181 23.21 -2.54 -4.80
CA SER A 181 23.89 -1.85 -5.90
C SER A 181 23.05 -0.79 -6.61
N GLY A 182 21.72 -0.88 -6.50
CA GLY A 182 20.83 -0.03 -7.26
C GLY A 182 20.59 -0.49 -8.69
N GLN A 183 21.16 -1.61 -9.09
CA GLN A 183 21.03 -2.10 -10.49
C GLN A 183 19.59 -2.54 -10.77
N CYS A 184 19.13 -2.24 -11.99
CA CYS A 184 17.83 -2.74 -12.47
C CYS A 184 18.05 -4.17 -12.90
N LEU A 185 17.44 -5.12 -12.20
CA LEU A 185 17.58 -6.55 -12.47
C LEU A 185 16.50 -7.15 -13.35
N LYS A 186 15.37 -6.47 -13.45
CA LYS A 186 14.27 -6.96 -14.26
C LYS A 186 13.31 -5.83 -14.59
N THR A 187 12.75 -5.86 -15.80
CA THR A 187 11.60 -5.06 -16.16
C THR A 187 10.48 -6.00 -16.58
N LEU A 188 9.31 -5.81 -15.99
CA LEU A 188 8.14 -6.60 -16.27
C LEU A 188 7.01 -5.76 -16.84
N ILE A 189 6.45 -6.28 -17.95
CA ILE A 189 5.32 -5.67 -18.67
C ILE A 189 4.66 -6.78 -19.48
N ASP A 190 3.34 -6.75 -19.60
CA ASP A 190 2.60 -7.78 -20.38
C ASP A 190 2.29 -7.20 -21.78
N ASP A 191 1.29 -7.74 -22.46
CA ASP A 191 1.08 -7.46 -23.91
C ASP A 191 0.51 -6.08 -24.21
N ASP A 192 -0.03 -5.40 -23.18
CA ASP A 192 -0.48 -4.03 -23.28
C ASP A 192 0.33 -3.23 -22.27
N ASN A 193 0.26 -1.90 -22.36
CA ASN A 193 1.11 -0.97 -21.58
C ASN A 193 0.34 0.05 -20.70
N PRO A 194 -0.72 -0.41 -20.02
CA PRO A 194 -1.42 0.54 -19.16
C PRO A 194 -0.57 0.94 -17.95
N PRO A 195 -0.87 2.09 -17.34
CA PRO A 195 -0.19 2.48 -16.12
C PRO A 195 -0.26 1.38 -15.06
N VAL A 196 0.84 1.18 -14.35
CA VAL A 196 0.87 0.23 -13.25
C VAL A 196 0.65 1.07 -12.02
N SER A 197 -0.43 0.79 -11.31
CA SER A 197 -0.88 1.59 -10.21
C SER A 197 -0.55 1.03 -8.83
N PHE A 198 -0.08 -0.19 -8.76
CA PHE A 198 0.28 -0.82 -7.50
C PHE A 198 1.08 -2.06 -7.75
N VAL A 199 1.99 -2.38 -6.84
CA VAL A 199 2.71 -3.64 -6.82
C VAL A 199 3.21 -3.97 -5.43
N LYS A 200 3.30 -5.26 -5.15
CA LYS A 200 3.98 -5.76 -3.97
C LYS A 200 4.39 -7.22 -4.18
N PHE A 201 5.43 -7.62 -3.48
CA PHE A 201 5.77 -9.03 -3.29
C PHE A 201 4.75 -9.80 -2.47
N SER A 202 4.61 -11.08 -2.80
CA SER A 202 3.81 -12.01 -2.02
C SER A 202 4.49 -12.27 -0.67
N PRO A 203 3.71 -12.68 0.35
CA PRO A 203 4.28 -12.99 1.67
C PRO A 203 5.43 -13.98 1.62
N ASN A 204 5.34 -15.00 0.76
CA ASN A 204 6.43 -15.97 0.61
C ASN A 204 7.59 -15.49 -0.27
N GLY A 205 7.43 -14.32 -0.91
CA GLY A 205 8.46 -13.71 -1.72
C GLY A 205 8.65 -14.24 -3.14
N LYS A 206 7.84 -15.23 -3.55
CA LYS A 206 8.00 -15.85 -4.86
C LYS A 206 7.38 -15.02 -5.98
N TYR A 207 6.35 -14.24 -5.64
CA TYR A 207 5.51 -13.59 -6.66
C TYR A 207 5.47 -12.10 -6.45
N ILE A 208 5.07 -11.37 -7.48
CA ILE A 208 4.61 -10.01 -7.27
C ILE A 208 3.18 -9.93 -7.74
N LEU A 209 2.40 -9.08 -7.09
CA LEU A 209 1.00 -8.83 -7.41
C LEU A 209 0.95 -7.41 -7.90
N ALA A 210 0.49 -7.20 -9.13
CA ALA A 210 0.51 -5.87 -9.75
C ALA A 210 -0.87 -5.49 -10.23
N ALA A 211 -1.24 -4.25 -9.98
CA ALA A 211 -2.46 -3.66 -10.49
C ALA A 211 -2.14 -2.75 -11.65
N THR A 212 -2.95 -2.83 -12.69
CA THR A 212 -2.85 -1.90 -13.81
C THR A 212 -4.19 -1.24 -14.02
N LEU A 213 -4.17 -0.04 -14.62
CA LEU A 213 -5.38 0.77 -14.75
C LEU A 213 -6.25 0.38 -15.95
N ASP A 214 -6.32 -0.93 -16.18
CA ASP A 214 -7.23 -1.54 -17.15
C ASP A 214 -8.04 -2.62 -16.40
N ASN A 215 -8.39 -2.33 -15.13
CA ASN A 215 -9.26 -3.17 -14.36
C ASN A 215 -8.72 -4.58 -14.15
N THR A 216 -7.40 -4.67 -13.93
CA THR A 216 -6.74 -5.97 -13.87
C THR A 216 -5.69 -6.02 -12.77
N LEU A 217 -5.74 -7.10 -12.00
CA LEU A 217 -4.65 -7.52 -11.12
C LEU A 217 -3.95 -8.74 -11.71
N LYS A 218 -2.62 -8.78 -11.60
CA LYS A 218 -1.83 -9.90 -12.12
C LYS A 218 -0.85 -10.41 -11.08
N LEU A 219 -0.77 -11.74 -10.97
CA LEU A 219 0.25 -12.39 -10.15
C LEU A 219 1.38 -12.85 -11.07
N TRP A 220 2.60 -12.36 -10.82
CA TRP A 220 3.77 -12.71 -11.61
C TRP A 220 4.81 -13.51 -10.82
N ASP A 221 5.40 -14.49 -11.49
CA ASP A 221 6.66 -15.06 -11.04
C ASP A 221 7.72 -14.10 -11.59
N TYR A 222 8.32 -13.29 -10.73
CA TYR A 222 9.20 -12.23 -11.23
C TYR A 222 10.55 -12.83 -11.68
N SER A 223 10.95 -13.94 -11.08
CA SER A 223 12.20 -14.65 -11.42
C SER A 223 12.18 -15.25 -12.84
N LYS A 224 11.07 -15.87 -13.23
CA LYS A 224 10.87 -16.31 -14.62
C LYS A 224 10.26 -15.24 -15.54
N GLY A 225 9.73 -14.16 -14.96
CA GLY A 225 9.13 -13.08 -15.75
C GLY A 225 7.84 -13.50 -16.41
N LYS A 226 7.04 -14.32 -15.72
CA LYS A 226 5.80 -14.83 -16.28
C LYS A 226 4.58 -14.47 -15.44
N CYS A 227 3.51 -14.06 -16.11
CA CYS A 227 2.23 -13.80 -15.45
C CYS A 227 1.52 -15.14 -15.28
N LEU A 228 1.25 -15.49 -14.03
CA LEU A 228 0.68 -16.78 -13.66
C LEU A 228 -0.83 -16.76 -13.48
N LYS A 229 -1.36 -15.61 -13.02
CA LYS A 229 -2.80 -15.47 -12.77
C LYS A 229 -3.23 -14.04 -12.98
N THR A 230 -4.47 -13.86 -13.46
CA THR A 230 -5.10 -12.54 -13.52
C THR A 230 -6.39 -12.58 -12.72
N TYR A 231 -6.69 -11.46 -12.08
CA TYR A 231 -7.91 -11.29 -11.28
C TYR A 231 -8.65 -10.12 -11.86
N THR A 232 -9.90 -10.35 -12.26
CA THR A 232 -10.72 -9.35 -12.92
C THR A 232 -12.14 -9.39 -12.36
N GLY A 233 -12.91 -8.37 -12.70
CA GLY A 233 -14.28 -8.25 -12.20
C GLY A 233 -14.54 -6.93 -11.49
N HIS A 234 -13.48 -6.35 -10.94
CA HIS A 234 -13.50 -5.03 -10.29
C HIS A 234 -13.32 -3.90 -11.30
N LYS A 235 -13.39 -2.67 -10.79
CA LYS A 235 -13.26 -1.47 -11.58
C LYS A 235 -12.04 -0.69 -11.09
N ASN A 236 -11.04 -0.56 -11.95
CA ASN A 236 -9.83 0.23 -11.60
C ASN A 236 -9.19 0.81 -12.86
N GLU A 237 -9.62 2.02 -13.21
CA GLU A 237 -9.07 2.78 -14.35
C GLU A 237 -8.42 4.13 -14.00
N LYS A 238 -8.52 4.56 -12.73
CA LYS A 238 -8.15 5.93 -12.36
C LYS A 238 -7.24 6.06 -11.15
N TYR A 239 -7.52 5.32 -10.08
CA TYR A 239 -6.86 5.51 -8.81
C TYR A 239 -5.86 4.43 -8.52
N CYS A 240 -4.86 4.80 -7.72
CA CYS A 240 -3.86 3.85 -7.27
C CYS A 240 -4.42 3.11 -6.06
N ILE A 241 -5.05 1.97 -6.34
CA ILE A 241 -5.73 1.14 -5.36
C ILE A 241 -4.81 0.02 -4.92
N PHE A 242 -4.65 -0.15 -3.60
CA PHE A 242 -3.84 -1.22 -3.01
C PHE A 242 -4.47 -2.57 -3.29
N ALA A 243 -3.67 -3.63 -3.32
CA ALA A 243 -4.20 -5.00 -3.28
C ALA A 243 -3.43 -5.80 -2.27
N ASN A 244 -4.06 -6.86 -1.76
CA ASN A 244 -3.51 -7.65 -0.67
C ASN A 244 -3.59 -9.14 -0.90
N PHE A 245 -2.71 -9.86 -0.22
CA PHE A 245 -2.82 -11.30 -0.03
C PHE A 245 -3.43 -11.51 1.34
N SER A 246 -4.59 -12.18 1.39
CA SER A 246 -5.19 -12.59 2.67
C SER A 246 -4.74 -14.01 2.94
N VAL A 247 -4.10 -14.24 4.09
CA VAL A 247 -3.48 -15.54 4.38
C VAL A 247 -3.86 -16.15 5.73
N THR A 248 -4.75 -15.52 6.47
CA THR A 248 -5.09 -15.98 7.81
C THR A 248 -6.08 -17.16 7.77
N GLY A 249 -7.00 -17.15 6.80
CA GLY A 249 -7.95 -18.25 6.56
C GLY A 249 -7.75 -18.81 5.17
N GLY A 250 -8.78 -18.70 4.32
CA GLY A 250 -8.63 -19.04 2.90
C GLY A 250 -7.62 -18.14 2.22
N LYS A 251 -6.97 -18.61 1.16
CA LYS A 251 -5.96 -17.84 0.46
C LYS A 251 -6.62 -17.00 -0.63
N TRP A 252 -6.82 -15.72 -0.32
CA TRP A 252 -7.51 -14.78 -1.20
C TRP A 252 -6.60 -13.65 -1.68
N ILE A 253 -7.12 -12.94 -2.69
CA ILE A 253 -6.62 -11.64 -3.12
C ILE A 253 -7.73 -10.68 -2.77
N VAL A 254 -7.35 -9.52 -2.23
CA VAL A 254 -8.28 -8.50 -1.77
C VAL A 254 -7.92 -7.16 -2.42
N SER A 255 -8.93 -6.45 -2.93
CA SER A 255 -8.71 -5.11 -3.46
C SER A 255 -9.96 -4.25 -3.35
N GLY A 256 -9.72 -2.94 -3.21
CA GLY A 256 -10.79 -1.98 -3.44
C GLY A 256 -11.14 -1.88 -4.91
N SER A 257 -12.08 -1.00 -5.21
CA SER A 257 -12.61 -0.86 -6.54
C SER A 257 -13.31 0.48 -6.67
N GLU A 258 -13.38 0.95 -7.90
CA GLU A 258 -14.00 2.23 -8.23
C GLU A 258 -15.53 2.18 -8.34
N ASP A 259 -16.13 1.01 -8.13
CA ASP A 259 -17.59 0.86 -7.94
C ASP A 259 -17.98 0.77 -6.47
N ASN A 260 -17.07 1.18 -5.59
CA ASN A 260 -17.34 1.37 -4.16
C ASN A 260 -17.41 0.07 -3.37
N LEU A 261 -16.91 -1.02 -3.94
CA LEU A 261 -16.91 -2.32 -3.29
C LEU A 261 -15.49 -2.81 -2.98
N VAL A 262 -15.39 -3.69 -1.98
CA VAL A 262 -14.20 -4.50 -1.78
C VAL A 262 -14.42 -5.81 -2.53
N TYR A 263 -13.44 -6.19 -3.34
CA TYR A 263 -13.46 -7.47 -4.05
C TYR A 263 -12.51 -8.47 -3.39
N ILE A 264 -12.98 -9.72 -3.26
CA ILE A 264 -12.18 -10.82 -2.73
C ILE A 264 -12.24 -11.95 -3.75
N TRP A 265 -11.07 -12.42 -4.18
CA TRP A 265 -10.94 -13.54 -5.14
C TRP A 265 -10.25 -14.72 -4.49
N ASN A 266 -10.57 -15.91 -4.98
CA ASN A 266 -9.80 -17.10 -4.66
C ASN A 266 -8.47 -16.99 -5.42
N LEU A 267 -7.34 -17.07 -4.71
CA LEU A 267 -6.03 -16.83 -5.33
C LEU A 267 -5.72 -17.87 -6.41
N GLN A 268 -6.04 -19.13 -6.13
CA GLN A 268 -5.74 -20.21 -7.07
C GLN A 268 -6.69 -20.21 -8.26
N THR A 269 -8.00 -20.12 -7.99
CA THR A 269 -9.01 -20.30 -9.05
C THR A 269 -9.30 -19.02 -9.82
N LYS A 270 -8.99 -17.87 -9.19
CA LYS A 270 -9.26 -16.52 -9.74
C LYS A 270 -10.73 -16.12 -9.77
N GLU A 271 -11.61 -16.91 -9.16
CA GLU A 271 -13.03 -16.58 -9.09
C GLU A 271 -13.25 -15.57 -7.97
N ILE A 272 -14.20 -14.67 -8.17
CA ILE A 272 -14.65 -13.77 -7.11
C ILE A 272 -15.38 -14.63 -6.10
N VAL A 273 -15.02 -14.47 -4.83
CA VAL A 273 -15.66 -15.22 -3.74
C VAL A 273 -16.51 -14.33 -2.83
N GLN A 274 -16.26 -13.03 -2.82
CA GLN A 274 -17.12 -12.11 -2.09
C GLN A 274 -16.93 -10.68 -2.57
N LYS A 275 -17.99 -9.88 -2.49
CA LYS A 275 -17.92 -8.44 -2.68
C LYS A 275 -18.55 -7.75 -1.47
N LEU A 276 -17.82 -6.82 -0.87
CA LEU A 276 -18.28 -6.11 0.33
C LEU A 276 -18.83 -4.72 0.01
N GLN A 277 -20.09 -4.51 0.39
CA GLN A 277 -20.84 -3.33 0.01
C GLN A 277 -21.03 -2.48 1.26
N GLY A 278 -20.93 -1.16 1.11
CA GLY A 278 -21.11 -0.25 2.24
C GLY A 278 -20.56 1.14 2.04
N HIS A 279 -19.40 1.25 1.40
CA HIS A 279 -18.82 2.56 1.17
C HIS A 279 -19.64 3.36 0.15
N THR A 280 -19.52 4.67 0.20
CA THR A 280 -20.29 5.58 -0.65
C THR A 280 -19.42 6.24 -1.72
N ASP A 281 -18.16 5.78 -1.80
CA ASP A 281 -17.18 6.31 -2.75
C ASP A 281 -16.16 5.20 -3.02
N VAL A 282 -15.27 5.46 -3.98
CA VAL A 282 -14.20 4.55 -4.38
C VAL A 282 -13.46 4.02 -3.15
N VAL A 283 -13.25 2.70 -3.10
CA VAL A 283 -12.47 2.09 -2.03
C VAL A 283 -11.01 2.08 -2.53
N ILE A 284 -10.21 2.98 -1.96
CA ILE A 284 -8.85 3.25 -2.40
C ILE A 284 -7.83 2.30 -1.75
N SER A 285 -8.18 1.77 -0.58
CA SER A 285 -7.22 1.01 0.18
C SER A 285 -7.92 -0.06 0.98
N THR A 286 -7.24 -1.20 1.07
CA THR A 286 -7.66 -2.31 1.89
C THR A 286 -6.42 -2.88 2.56
N ALA A 287 -6.61 -3.56 3.66
CA ALA A 287 -5.51 -4.20 4.38
C ALA A 287 -6.06 -5.42 5.07
N CYS A 288 -5.19 -6.42 5.26
CA CYS A 288 -5.57 -7.67 5.86
C CYS A 288 -4.80 -7.87 7.15
N HIS A 289 -5.51 -8.17 8.23
CA HIS A 289 -4.94 -8.31 9.56
C HIS A 289 -3.96 -9.50 9.57
N PRO A 290 -2.83 -9.38 10.29
CA PRO A 290 -1.81 -10.44 10.22
C PRO A 290 -2.18 -11.81 10.80
N THR A 291 -3.10 -11.88 11.76
CA THR A 291 -3.50 -13.15 12.40
C THR A 291 -5.00 -13.52 12.40
N GLU A 292 -5.88 -12.54 12.46
CA GLU A 292 -7.32 -12.73 12.36
C GLU A 292 -7.83 -12.46 10.96
N ASN A 293 -8.99 -13.03 10.64
CA ASN A 293 -9.64 -12.78 9.34
C ASN A 293 -10.37 -11.45 9.40
N ILE A 294 -9.62 -10.35 9.35
CA ILE A 294 -10.19 -9.01 9.41
C ILE A 294 -9.64 -8.22 8.24
N ILE A 295 -10.54 -7.57 7.50
CA ILE A 295 -10.15 -6.62 6.46
C ILE A 295 -10.50 -5.20 6.90
N ALA A 296 -9.58 -4.27 6.67
CA ALA A 296 -9.86 -2.84 6.78
C ALA A 296 -10.00 -2.31 5.37
N SER A 297 -11.01 -1.46 5.14
CA SER A 297 -11.21 -0.80 3.83
C SER A 297 -11.36 0.68 4.08
N ALA A 298 -10.95 1.51 3.12
CA ALA A 298 -11.03 2.97 3.26
C ALA A 298 -11.42 3.61 1.93
N ALA A 299 -12.18 4.69 2.01
CA ALA A 299 -12.79 5.29 0.84
C ALA A 299 -12.48 6.77 0.65
N LEU A 300 -12.79 7.25 -0.56
CA LEU A 300 -12.44 8.60 -1.01
C LEU A 300 -13.40 9.70 -0.47
N GLU A 301 -13.27 10.91 -1.01
CA GLU A 301 -13.76 12.17 -0.38
C GLU A 301 -15.26 12.21 -0.06
N ASN A 302 -16.09 11.54 -0.85
CA ASN A 302 -17.54 11.55 -0.57
C ASN A 302 -17.92 10.66 0.61
N ASP A 303 -17.00 9.84 1.08
CA ASP A 303 -17.25 8.84 2.11
C ASP A 303 -16.46 9.18 3.38
N LYS A 304 -15.14 9.24 3.28
CA LYS A 304 -14.21 9.58 4.37
C LYS A 304 -14.08 8.57 5.50
N THR A 305 -14.69 7.38 5.37
CA THR A 305 -14.62 6.42 6.48
C THR A 305 -13.79 5.23 6.15
N ILE A 306 -13.45 4.51 7.22
CA ILE A 306 -12.73 3.26 7.19
C ILE A 306 -13.69 2.21 7.74
N LYS A 307 -13.71 1.01 7.19
CA LYS A 307 -14.61 -0.03 7.69
C LYS A 307 -13.79 -1.26 8.03
N LEU A 308 -14.17 -1.93 9.10
CA LEU A 308 -13.56 -3.17 9.51
C LEU A 308 -14.57 -4.28 9.32
N TRP A 309 -14.13 -5.33 8.63
CA TRP A 309 -15.00 -6.44 8.25
C TRP A 309 -14.37 -7.69 8.82
N LYS A 310 -15.18 -8.62 9.33
CA LYS A 310 -14.64 -9.87 9.86
C LYS A 310 -15.32 -11.11 9.26
N SER A 311 -14.55 -12.18 9.08
CA SER A 311 -15.02 -13.44 8.54
C SER A 311 -14.64 -14.60 9.45
N ASP A 312 -15.46 -15.66 9.44
CA ASP A 312 -15.13 -16.90 10.15
C ASP A 312 -14.02 -17.72 9.46
N CYS A 313 -13.72 -17.43 8.20
CA CYS A 313 -12.68 -18.13 7.44
C CYS A 313 -12.06 -17.25 6.34
N ALA B 1 -2.30 14.20 -4.20
CA ALA B 1 -2.17 12.92 -3.42
C ALA B 1 -2.91 11.79 -4.16
N THR B 3 -5.57 10.36 -3.47
CA THR B 3 -7.00 10.55 -3.42
C THR B 3 -7.55 11.42 -4.57
N LYS B 4 -6.64 12.00 -5.37
CA LYS B 4 -6.98 12.60 -6.67
C LYS B 4 -6.27 11.82 -7.79
N GLN B 5 -6.80 11.93 -9.01
CA GLN B 5 -6.13 11.38 -10.21
C GLN B 5 -6.16 12.39 -11.34
#